data_1YC1
#
_entry.id   1YC1
#
_cell.length_a   71.611
_cell.length_b   89.000
_cell.length_c   88.386
_cell.angle_alpha   90.00
_cell.angle_beta   90.00
_cell.angle_gamma   90.00
#
_symmetry.space_group_name_H-M   'C 2 2 21'
#
loop_
_entity.id
_entity.type
_entity.pdbx_description
1 polymer 'Heat shock protein HSP 90-alpha'
2 non-polymer '4-(1,3-BENZODIOXOL-5-YL)-5-(5-ETHYL-2,4-DIHYDROXYPHENYL)-2H-PYRAZOLE-3-CARBOXYLIC ACID'
3 water water
#
_entity_poly.entity_id   1
_entity_poly.type   'polypeptide(L)'
_entity_poly.pdbx_seq_one_letter_code
;MRGSHHHHHHGMASMTGGQQMGRDLYDDDDKDRWGSDQPMEEEEVETFAFQAEIAQLMSLIINTFYSNKEIFLRELISNS
SDALDKIRYETLTDPSKLDSGKELHINLIPNKQDRTLTIVDTGIGMTKADLINNLGTIAKSGTKAFMEALQAGADISMIG
QFGVGFYSAYLVAEKVTVITKHNDDEQYAWESSAGGSFTVRTDTGEPMGRGTKVILHLKEDQTEYLEERRIKEIVKKHSQ
FIGYPITLFVEKERDKEVSDDEAE
;
_entity_poly.pdbx_strand_id   A
#
loop_
_chem_comp.id
_chem_comp.type
_chem_comp.name
_chem_comp.formula
4BC non-polymer '4-(1,3-BENZODIOXOL-5-YL)-5-(5-ETHYL-2,4-DIHYDROXYPHENYL)-2H-PYRAZOLE-3-CARBOXYLIC ACID' 'C19 H16 N2 O6'
#
# COMPACT_ATOMS: atom_id res chain seq x y z
N GLU A 43 4.49 -1.53 24.50
CA GLU A 43 3.33 -1.74 23.56
C GLU A 43 3.17 -3.25 23.26
N GLU A 44 1.94 -3.65 22.95
CA GLU A 44 1.65 -5.05 22.62
C GLU A 44 1.83 -5.23 21.10
N VAL A 45 2.67 -6.17 20.69
CA VAL A 45 2.87 -6.39 19.27
C VAL A 45 2.59 -7.87 18.97
N GLU A 46 1.81 -8.13 17.93
CA GLU A 46 1.54 -9.50 17.53
C GLU A 46 2.33 -9.78 16.25
N THR A 47 2.93 -10.96 16.20
CA THR A 47 3.68 -11.33 15.02
C THR A 47 2.96 -12.49 14.36
N PHE A 48 2.89 -12.41 13.03
CA PHE A 48 2.18 -13.40 12.21
C PHE A 48 3.04 -13.87 11.09
N ALA A 49 2.77 -15.07 10.61
CA ALA A 49 3.45 -15.53 9.43
C ALA A 49 2.57 -15.21 8.20
N PHE A 50 3.21 -14.85 7.10
CA PHE A 50 2.47 -14.71 5.83
C PHE A 50 2.02 -16.10 5.42
N GLN A 51 0.90 -16.17 4.72
CA GLN A 51 0.51 -17.48 4.14
C GLN A 51 1.70 -17.81 3.22
N ALA A 52 2.02 -19.11 3.09
CA ALA A 52 3.18 -19.49 2.31
C ALA A 52 3.32 -18.86 0.93
N GLU A 53 2.23 -18.87 0.16
CA GLU A 53 2.29 -18.33 -1.19
C GLU A 53 2.62 -16.86 -1.20
N ILE A 54 2.13 -16.10 -0.19
CA ILE A 54 2.48 -14.67 -0.14
C ILE A 54 3.98 -14.51 0.24
N ALA A 55 4.47 -15.35 1.17
CA ALA A 55 5.90 -15.27 1.50
C ALA A 55 6.70 -15.58 0.24
N GLN A 56 6.23 -16.57 -0.52
CA GLN A 56 6.96 -16.92 -1.76
C GLN A 56 6.97 -15.77 -2.78
N LEU A 57 5.84 -15.11 -2.90
CA LEU A 57 5.70 -14.00 -3.82
C LEU A 57 6.61 -12.86 -3.38
N MET A 58 6.58 -12.57 -2.08
CA MET A 58 7.46 -11.51 -1.56
C MET A 58 8.93 -11.79 -1.84
N SER A 59 9.31 -13.06 -1.64
CA SER A 59 10.70 -13.39 -1.87
C SER A 59 11.10 -13.19 -3.33
N LEU A 60 10.18 -13.52 -4.23
CA LEU A 60 10.48 -13.34 -5.68
C LEU A 60 10.63 -11.88 -5.99
N ILE A 61 9.75 -11.06 -5.40
CA ILE A 61 9.80 -9.62 -5.62
C ILE A 61 11.05 -8.98 -5.05
N ILE A 62 11.46 -9.41 -3.87
CA ILE A 62 12.69 -8.87 -3.27
C ILE A 62 13.94 -9.33 -4.01
N ASN A 63 13.92 -10.51 -4.57
CA ASN A 63 15.13 -10.95 -5.23
C ASN A 63 15.24 -10.64 -6.72
N THR A 64 14.20 -10.00 -7.29
CA THR A 64 14.26 -9.71 -8.72
C THR A 64 14.97 -8.43 -9.10
N PHE A 65 15.55 -8.48 -10.31
CA PHE A 65 16.22 -7.34 -10.89
C PHE A 65 15.27 -6.61 -11.83
N TYR A 66 13.99 -7.04 -11.80
CA TYR A 66 12.95 -6.41 -12.60
C TYR A 66 13.22 -4.90 -12.64
N SER A 67 13.32 -4.32 -13.83
CA SER A 67 13.73 -2.93 -13.86
C SER A 67 12.68 -1.85 -13.79
N ASN A 68 11.45 -2.20 -14.12
CA ASN A 68 10.36 -1.21 -14.15
C ASN A 68 9.73 -1.15 -12.76
N LYS A 69 10.56 -0.77 -11.79
CA LYS A 69 10.10 -0.78 -10.39
C LYS A 69 9.08 0.30 -10.09
N GLU A 70 8.98 1.32 -10.95
CA GLU A 70 8.06 2.41 -10.64
C GLU A 70 6.61 1.97 -10.58
N ILE A 71 6.33 0.72 -11.03
CA ILE A 71 4.97 0.27 -10.99
C ILE A 71 4.40 0.27 -9.57
N PHE A 72 5.25 0.24 -8.55
CA PHE A 72 4.69 0.18 -7.21
C PHE A 72 3.75 1.36 -6.94
N LEU A 73 4.08 2.51 -7.49
CA LEU A 73 3.24 3.67 -7.18
C LEU A 73 1.89 3.53 -7.82
N ARG A 74 1.84 3.05 -9.07
CA ARG A 74 0.58 2.84 -9.76
C ARG A 74 -0.27 1.91 -8.90
N GLU A 75 0.36 0.86 -8.37
CA GLU A 75 -0.43 -0.15 -7.65
C GLU A 75 -0.96 0.34 -6.33
N LEU A 76 -0.12 1.08 -5.57
CA LEU A 76 -0.60 1.62 -4.30
C LEU A 76 -1.68 2.68 -4.53
N ILE A 77 -1.51 3.50 -5.56
CA ILE A 77 -2.51 4.54 -5.80
C ILE A 77 -3.83 3.85 -6.17
N SER A 78 -3.72 2.75 -6.92
CA SER A 78 -4.89 2.02 -7.34
C SER A 78 -5.63 1.46 -6.13
N ASN A 79 -4.89 0.90 -5.18
CA ASN A 79 -5.51 0.36 -3.97
C ASN A 79 -6.20 1.52 -3.20
N SER A 80 -5.55 2.69 -3.18
CA SER A 80 -6.14 3.84 -2.45
C SER A 80 -7.45 4.23 -3.14
N SER A 81 -7.40 4.31 -4.44
CA SER A 81 -8.61 4.64 -5.19
C SER A 81 -9.70 3.60 -4.92
N ASP A 82 -9.37 2.32 -4.87
CA ASP A 82 -10.42 1.33 -4.59
C ASP A 82 -11.03 1.51 -3.19
N ALA A 83 -10.19 1.83 -2.22
CA ALA A 83 -10.64 2.05 -0.84
C ALA A 83 -11.45 3.34 -0.75
N LEU A 84 -11.10 4.34 -1.54
CA LEU A 84 -11.85 5.63 -1.57
C LEU A 84 -13.22 5.33 -2.18
N ASP A 85 -13.23 4.53 -3.25
CA ASP A 85 -14.52 4.15 -3.83
C ASP A 85 -15.38 3.49 -2.78
N LYS A 86 -14.79 2.60 -1.97
CA LYS A 86 -15.57 1.86 -0.98
C LYS A 86 -16.27 2.77 0.00
N ILE A 87 -15.51 3.66 0.62
CA ILE A 87 -16.15 4.53 1.62
C ILE A 87 -17.13 5.50 0.97
N ARG A 88 -16.81 5.97 -0.22
CA ARG A 88 -17.71 6.90 -0.91
C ARG A 88 -19.05 6.17 -1.26
N TYR A 89 -18.99 4.91 -1.69
CA TYR A 89 -20.22 4.16 -2.00
C TYR A 89 -21.06 4.07 -0.73
N GLU A 90 -20.43 3.62 0.35
CA GLU A 90 -21.14 3.47 1.61
C GLU A 90 -21.74 4.80 2.03
N THR A 91 -21.15 5.91 1.62
CA THR A 91 -21.75 7.17 2.04
C THR A 91 -23.01 7.54 1.29
N LEU A 92 -23.20 6.97 0.11
CA LEU A 92 -24.40 7.28 -0.67
C LEU A 92 -25.63 6.89 0.12
N THR A 93 -25.49 5.82 0.91
CA THR A 93 -26.58 5.26 1.70
C THR A 93 -26.58 5.73 3.14
N ASP A 94 -25.39 6.08 3.62
CA ASP A 94 -25.25 6.47 5.00
C ASP A 94 -24.24 7.59 5.10
N PRO A 95 -24.73 8.82 5.16
CA PRO A 95 -23.92 10.04 5.26
C PRO A 95 -22.92 10.09 6.43
N SER A 96 -23.32 9.52 7.56
CA SER A 96 -22.50 9.50 8.76
C SER A 96 -21.19 8.73 8.54
N LYS A 97 -21.09 8.01 7.42
CA LYS A 97 -19.86 7.28 7.14
C LYS A 97 -18.68 8.22 7.01
N LEU A 98 -18.96 9.45 6.59
CA LEU A 98 -17.91 10.40 6.44
C LEU A 98 -17.73 11.28 7.63
N ASP A 99 -18.33 10.90 8.75
CA ASP A 99 -18.19 11.68 9.98
C ASP A 99 -16.72 11.71 10.38
N SER A 100 -15.97 10.66 9.99
CA SER A 100 -14.55 10.56 10.26
C SER A 100 -13.69 11.33 9.24
N GLY A 101 -14.32 12.02 8.30
CA GLY A 101 -13.55 12.81 7.38
C GLY A 101 -14.23 12.90 6.04
N LYS A 102 -14.59 14.10 5.58
CA LYS A 102 -15.25 14.13 4.29
C LYS A 102 -14.35 14.16 3.06
N GLU A 103 -13.10 14.62 3.21
CA GLU A 103 -12.16 14.74 2.09
C GLU A 103 -11.83 13.32 1.63
N LEU A 104 -11.77 13.17 0.31
CA LEU A 104 -11.50 11.87 -0.32
C LEU A 104 -10.32 12.13 -1.22
N HIS A 105 -9.12 11.74 -0.77
CA HIS A 105 -8.00 12.12 -1.54
C HIS A 105 -6.82 11.24 -1.19
N ILE A 106 -5.82 11.39 -2.03
CA ILE A 106 -4.55 10.66 -1.85
C ILE A 106 -3.40 11.69 -1.79
N ASN A 107 -2.54 11.62 -0.77
CA ASN A 107 -1.38 12.49 -0.66
C ASN A 107 -0.10 11.66 -0.74
N LEU A 108 0.90 12.17 -1.42
CA LEU A 108 2.19 11.49 -1.55
C LEU A 108 3.16 12.38 -0.79
N ILE A 109 3.89 11.77 0.13
CA ILE A 109 4.79 12.52 1.00
C ILE A 109 6.18 11.97 1.05
N PRO A 110 7.06 12.48 0.21
CA PRO A 110 8.46 11.98 0.26
C PRO A 110 9.17 12.67 1.43
N ASN A 111 10.10 11.95 2.04
CA ASN A 111 10.87 12.51 3.16
C ASN A 111 12.30 12.03 2.95
N LYS A 112 13.16 12.87 2.39
CA LYS A 112 14.54 12.43 2.13
C LYS A 112 15.34 12.16 3.36
N GLN A 113 15.11 12.94 4.40
CA GLN A 113 15.85 12.75 5.65
C GLN A 113 15.58 11.35 6.25
N ASP A 114 14.34 10.91 6.18
CA ASP A 114 13.94 9.62 6.72
C ASP A 114 14.00 8.47 5.70
N ARG A 115 14.28 8.83 4.44
CA ARG A 115 14.30 7.93 3.31
C ARG A 115 12.98 7.17 3.21
N THR A 116 11.89 7.91 3.39
CA THR A 116 10.58 7.29 3.26
C THR A 116 9.68 8.00 2.26
N LEU A 117 8.84 7.21 1.57
CA LEU A 117 7.82 7.81 0.69
C LEU A 117 6.53 7.29 1.32
N THR A 118 5.60 8.22 1.64
CA THR A 118 4.38 7.86 2.30
C THR A 118 3.24 8.15 1.38
N ILE A 119 2.32 7.21 1.28
CA ILE A 119 1.12 7.37 0.41
C ILE A 119 -0.04 7.30 1.38
N VAL A 120 -0.78 8.41 1.48
CA VAL A 120 -1.88 8.47 2.45
C VAL A 120 -3.20 8.64 1.73
N ASP A 121 -4.21 7.83 2.09
CA ASP A 121 -5.52 8.06 1.47
C ASP A 121 -6.56 8.11 2.58
N THR A 122 -7.73 8.72 2.25
CA THR A 122 -8.81 8.80 3.23
C THR A 122 -9.93 7.87 2.82
N GLY A 123 -9.53 6.70 2.33
CA GLY A 123 -10.50 5.69 1.98
C GLY A 123 -11.11 4.99 3.17
N ILE A 124 -11.74 3.85 2.88
CA ILE A 124 -12.46 3.13 3.92
C ILE A 124 -11.62 2.55 5.04
N GLY A 125 -10.30 2.38 4.81
CA GLY A 125 -9.48 1.82 5.85
C GLY A 125 -9.73 0.33 5.98
N MET A 126 -9.08 -0.29 6.95
CA MET A 126 -9.23 -1.70 7.24
C MET A 126 -9.35 -1.97 8.74
N THR A 127 -10.28 -2.86 9.09
CA THR A 127 -10.36 -3.36 10.46
C THR A 127 -9.12 -4.24 10.67
N LYS A 128 -8.82 -4.55 11.93
CA LYS A 128 -7.65 -5.35 12.23
C LYS A 128 -7.77 -6.68 11.47
N ALA A 129 -8.96 -7.30 11.49
CA ALA A 129 -9.10 -8.59 10.83
C ALA A 129 -8.81 -8.46 9.34
N ASP A 130 -9.32 -7.40 8.70
CA ASP A 130 -9.11 -7.26 7.27
C ASP A 130 -7.69 -6.86 6.96
N LEU A 131 -7.05 -6.16 7.88
CA LEU A 131 -5.66 -5.77 7.61
C LEU A 131 -4.79 -7.07 7.56
N ILE A 132 -5.00 -7.92 8.56
CA ILE A 132 -4.25 -9.16 8.60
C ILE A 132 -4.59 -10.01 7.41
N ASN A 133 -5.87 -10.08 7.08
CA ASN A 133 -6.27 -10.93 5.96
C ASN A 133 -5.79 -10.42 4.60
N ASN A 134 -5.97 -9.13 4.40
CA ASN A 134 -5.62 -8.56 3.11
C ASN A 134 -4.14 -8.54 2.82
N LEU A 135 -3.31 -8.38 3.85
CA LEU A 135 -1.88 -8.29 3.57
C LEU A 135 -1.15 -9.58 3.95
N GLY A 136 -1.77 -10.39 4.80
CA GLY A 136 -1.05 -11.57 5.24
C GLY A 136 -1.41 -12.87 4.52
N THR A 137 -2.48 -12.83 3.71
CA THR A 137 -2.90 -14.07 3.03
C THR A 137 -3.25 -13.81 1.58
N ILE A 138 -3.52 -14.89 0.84
CA ILE A 138 -3.94 -14.77 -0.55
C ILE A 138 -5.25 -13.96 -0.66
N ALA A 139 -6.10 -14.09 0.36
CA ALA A 139 -7.35 -13.32 0.43
C ALA A 139 -8.13 -13.51 -0.87
N LYS A 140 -8.48 -12.39 -1.50
CA LYS A 140 -9.32 -12.47 -2.68
C LYS A 140 -8.54 -12.51 -4.01
N SER A 141 -7.21 -12.60 -3.92
CA SER A 141 -6.35 -12.46 -5.08
C SER A 141 -6.12 -13.69 -5.96
N GLY A 142 -5.54 -13.42 -7.12
CA GLY A 142 -5.17 -14.51 -8.01
C GLY A 142 -3.70 -14.90 -7.77
N THR A 143 -3.23 -14.88 -6.50
CA THR A 143 -1.83 -15.18 -6.21
C THR A 143 -1.34 -16.48 -6.83
N LYS A 144 -2.12 -17.55 -6.67
CA LYS A 144 -1.62 -18.83 -7.20
C LYS A 144 -1.39 -18.75 -8.71
N ALA A 145 -2.37 -18.19 -9.43
CA ALA A 145 -2.27 -18.07 -10.89
C ALA A 145 -1.11 -17.18 -11.25
N PHE A 146 -0.89 -16.15 -10.43
CA PHE A 146 0.21 -15.27 -10.73
C PHE A 146 1.56 -16.01 -10.59
N MET A 147 1.71 -16.80 -9.55
CA MET A 147 2.96 -17.54 -9.29
C MET A 147 3.16 -18.53 -10.43
N GLU A 148 2.09 -19.02 -11.03
CA GLU A 148 2.26 -19.94 -12.19
C GLU A 148 2.64 -19.08 -13.41
N ALA A 149 2.02 -17.92 -13.51
CA ALA A 149 2.28 -17.03 -14.62
C ALA A 149 3.73 -16.60 -14.59
N LEU A 150 4.31 -16.50 -13.40
CA LEU A 150 5.70 -16.10 -13.31
C LEU A 150 6.60 -17.23 -13.78
N GLN A 151 6.24 -18.47 -13.43
CA GLN A 151 7.01 -19.64 -13.90
C GLN A 151 7.06 -19.51 -15.41
N ALA A 152 5.88 -19.46 -16.02
CA ALA A 152 5.70 -19.32 -17.45
C ALA A 152 6.50 -18.13 -18.00
N GLY A 153 7.13 -17.38 -17.08
CA GLY A 153 7.93 -16.22 -17.42
C GLY A 153 7.16 -14.98 -17.85
N ALA A 154 6.10 -14.60 -17.13
CA ALA A 154 5.33 -13.40 -17.50
C ALA A 154 6.00 -12.22 -16.75
N ASP A 155 5.61 -10.96 -16.99
CA ASP A 155 6.31 -10.00 -16.12
C ASP A 155 5.48 -9.43 -15.03
N ILE A 156 6.14 -9.29 -13.89
CA ILE A 156 5.45 -8.88 -12.73
C ILE A 156 4.69 -7.60 -12.91
N SER A 157 4.79 -6.88 -14.05
CA SER A 157 4.00 -5.64 -14.12
C SER A 157 2.54 -6.04 -14.18
N MET A 158 2.27 -7.34 -14.43
CA MET A 158 0.87 -7.76 -14.44
C MET A 158 0.39 -8.05 -13.00
N ILE A 159 1.27 -7.90 -12.02
CA ILE A 159 0.92 -8.16 -10.63
C ILE A 159 -0.38 -7.53 -10.18
N GLY A 160 -0.70 -6.31 -10.64
CA GLY A 160 -1.95 -5.71 -10.15
C GLY A 160 -3.21 -6.36 -10.70
N GLN A 161 -3.06 -7.01 -11.86
CA GLN A 161 -4.19 -7.63 -12.51
C GLN A 161 -4.48 -8.95 -11.79
N PHE A 162 -3.56 -9.37 -10.93
CA PHE A 162 -3.79 -10.59 -10.17
C PHE A 162 -4.20 -10.27 -8.73
N GLY A 163 -4.42 -8.97 -8.46
CA GLY A 163 -4.92 -8.58 -7.16
C GLY A 163 -3.92 -8.54 -6.03
N VAL A 164 -2.65 -8.53 -6.40
CA VAL A 164 -1.60 -8.52 -5.38
C VAL A 164 -0.59 -7.34 -5.62
N GLY A 165 -1.12 -6.27 -6.20
CA GLY A 165 -0.26 -5.14 -6.51
C GLY A 165 0.47 -4.55 -5.33
N PHE A 166 -0.13 -4.60 -4.18
CA PHE A 166 0.55 -4.07 -2.95
C PHE A 166 2.00 -4.56 -2.83
N TYR A 167 2.26 -5.84 -3.13
CA TYR A 167 3.56 -6.35 -2.85
C TYR A 167 4.63 -5.80 -3.73
N SER A 168 4.24 -5.15 -4.81
CA SER A 168 5.27 -4.50 -5.64
C SER A 168 6.01 -3.42 -4.85
N ALA A 169 5.46 -3.00 -3.73
CA ALA A 169 6.14 -2.05 -2.90
C ALA A 169 7.53 -2.58 -2.54
N TYR A 170 7.65 -3.91 -2.45
CA TYR A 170 8.94 -4.51 -2.09
C TYR A 170 10.00 -4.47 -3.18
N LEU A 171 9.62 -3.93 -4.33
CA LEU A 171 10.59 -3.68 -5.40
C LEU A 171 11.46 -2.51 -4.97
N VAL A 172 10.86 -1.59 -4.21
CA VAL A 172 11.58 -0.39 -3.83
C VAL A 172 11.81 -0.16 -2.35
N ALA A 173 11.06 -0.87 -1.51
CA ALA A 173 11.18 -0.72 -0.10
C ALA A 173 11.76 -1.93 0.63
N GLU A 174 12.62 -1.66 1.63
CA GLU A 174 13.19 -2.77 2.45
C GLU A 174 12.18 -3.11 3.58
N LYS A 175 11.32 -2.15 3.91
CA LYS A 175 10.32 -2.33 4.96
C LYS A 175 9.12 -1.49 4.55
N VAL A 176 7.94 -2.01 4.82
CA VAL A 176 6.69 -1.27 4.52
C VAL A 176 5.91 -1.30 5.84
N THR A 177 5.36 -0.15 6.21
CA THR A 177 4.50 -0.01 7.37
C THR A 177 3.12 0.45 6.77
N VAL A 178 2.06 -0.16 7.24
CA VAL A 178 0.72 0.23 6.78
C VAL A 178 -0.07 0.59 8.03
N ILE A 179 -0.48 1.85 8.11
CA ILE A 179 -1.25 2.31 9.26
C ILE A 179 -2.66 2.50 8.71
N THR A 180 -3.69 2.00 9.41
CA THR A 180 -5.02 2.06 8.82
C THR A 180 -6.07 2.28 9.94
N LYS A 181 -7.14 2.95 9.58
CA LYS A 181 -8.21 3.28 10.56
C LYS A 181 -9.50 3.11 9.77
N HIS A 182 -10.36 2.21 10.24
CA HIS A 182 -11.64 1.92 9.60
C HIS A 182 -12.65 2.46 10.61
N ASN A 183 -13.80 2.89 10.12
CA ASN A 183 -14.83 3.45 11.01
C ASN A 183 -15.19 2.47 12.11
N ASP A 184 -15.19 1.18 11.78
CA ASP A 184 -15.60 0.16 12.76
C ASP A 184 -14.53 -0.39 13.68
N ASP A 185 -13.33 0.20 13.70
CA ASP A 185 -12.28 -0.36 14.53
C ASP A 185 -11.26 0.72 14.90
N GLU A 186 -10.24 0.37 15.66
CA GLU A 186 -9.19 1.29 16.11
C GLU A 186 -8.10 1.40 15.05
N GLN A 187 -7.15 2.29 15.30
CA GLN A 187 -6.06 2.49 14.33
C GLN A 187 -4.98 1.46 14.57
N TYR A 188 -4.57 0.76 13.50
CA TYR A 188 -3.54 -0.29 13.61
C TYR A 188 -2.37 -0.03 12.72
N ALA A 189 -1.21 -0.49 13.14
CA ALA A 189 -0.01 -0.39 12.29
C ALA A 189 0.44 -1.84 12.00
N TRP A 190 0.58 -2.13 10.71
CA TRP A 190 1.05 -3.44 10.19
C TRP A 190 2.45 -3.12 9.65
N GLU A 191 3.39 -4.04 9.76
CA GLU A 191 4.69 -3.74 9.19
C GLU A 191 5.39 -5.03 8.83
N SER A 192 6.17 -4.97 7.76
CA SER A 192 6.95 -6.16 7.43
C SER A 192 8.16 -5.76 6.64
N SER A 193 9.28 -6.42 6.96
CA SER A 193 10.50 -6.29 6.19
C SER A 193 10.70 -7.64 5.43
N ALA A 194 9.57 -8.33 5.19
CA ALA A 194 9.51 -9.61 4.49
C ALA A 194 10.18 -10.67 5.38
N GLY A 195 10.82 -11.66 4.78
CA GLY A 195 11.44 -12.66 5.65
C GLY A 195 10.42 -13.64 6.22
N GLY A 196 9.17 -13.51 5.80
CA GLY A 196 8.13 -14.46 6.21
C GLY A 196 7.16 -14.08 7.31
N SER A 197 7.41 -12.95 7.95
CA SER A 197 6.51 -12.54 9.01
C SER A 197 6.19 -11.05 8.88
N PHE A 198 5.18 -10.69 9.66
CA PHE A 198 4.76 -9.29 9.78
C PHE A 198 4.22 -9.07 11.17
N THR A 199 4.14 -7.80 11.58
CA THR A 199 3.60 -7.50 12.91
C THR A 199 2.39 -6.60 12.79
N VAL A 200 1.52 -6.68 13.78
CA VAL A 200 0.38 -5.78 13.84
C VAL A 200 0.33 -5.28 15.26
N ARG A 201 0.06 -3.98 15.44
CA ARG A 201 -0.03 -3.45 16.79
C ARG A 201 -0.99 -2.28 16.74
N THR A 202 -1.62 -1.98 17.87
CA THR A 202 -2.45 -0.78 17.88
C THR A 202 -1.52 0.41 17.70
N ASP A 203 -1.95 1.38 16.89
CA ASP A 203 -1.10 2.50 16.61
C ASP A 203 -1.30 3.64 17.58
N THR A 204 -0.19 4.10 18.15
CA THR A 204 -0.16 5.21 19.08
C THR A 204 0.33 6.48 18.41
N GLY A 205 0.46 6.43 17.08
CA GLY A 205 0.91 7.59 16.32
C GLY A 205 -0.20 8.58 16.10
N GLU A 206 0.07 9.59 15.27
CA GLU A 206 -0.92 10.63 14.98
C GLU A 206 -2.21 9.97 14.50
N PRO A 207 -3.35 10.30 15.14
CA PRO A 207 -4.61 9.69 14.71
C PRO A 207 -4.93 10.10 13.26
N MET A 208 -5.47 9.15 12.50
CA MET A 208 -5.91 9.43 11.16
C MET A 208 -7.39 9.34 11.46
N GLY A 209 -8.21 10.15 10.85
CA GLY A 209 -9.63 10.01 11.07
C GLY A 209 -10.15 8.74 10.42
N ARG A 210 -9.63 8.42 9.22
CA ARG A 210 -10.08 7.26 8.48
C ARG A 210 -9.20 7.14 7.26
N GLY A 211 -8.83 5.91 6.94
CA GLY A 211 -8.05 5.72 5.72
C GLY A 211 -6.88 4.81 5.93
N THR A 212 -5.97 4.86 4.98
CA THR A 212 -4.81 4.01 5.05
C THR A 212 -3.57 4.80 4.64
N LYS A 213 -2.49 4.60 5.38
CA LYS A 213 -1.23 5.29 5.12
C LYS A 213 -0.17 4.20 4.87
N VAL A 214 0.52 4.24 3.73
CA VAL A 214 1.56 3.22 3.49
C VAL A 214 2.89 3.94 3.54
N ILE A 215 3.80 3.53 4.43
CA ILE A 215 5.10 4.16 4.55
C ILE A 215 6.12 3.23 3.93
N LEU A 216 6.78 3.68 2.87
CA LEU A 216 7.78 2.82 2.18
C LEU A 216 9.14 3.27 2.68
N HIS A 217 9.83 2.38 3.39
CA HIS A 217 11.18 2.70 3.88
C HIS A 217 12.03 2.22 2.72
N LEU A 218 12.48 3.17 1.91
CA LEU A 218 13.14 2.79 0.68
C LEU A 218 14.50 2.16 0.81
N LYS A 219 14.77 1.29 -0.16
CA LYS A 219 16.11 0.71 -0.28
C LYS A 219 17.06 1.84 -0.65
N GLU A 220 18.32 1.67 -0.29
CA GLU A 220 19.32 2.70 -0.54
C GLU A 220 19.42 3.14 -1.96
N ASP A 221 19.26 2.21 -2.89
CA ASP A 221 19.42 2.57 -4.30
C ASP A 221 18.12 2.94 -5.01
N GLN A 222 17.05 3.14 -4.23
CA GLN A 222 15.77 3.49 -4.79
C GLN A 222 15.30 4.89 -4.36
N THR A 223 16.23 5.73 -3.97
CA THR A 223 15.81 7.06 -3.51
C THR A 223 15.35 8.00 -4.62
N GLU A 224 15.40 7.56 -5.87
CA GLU A 224 14.90 8.43 -6.95
C GLU A 224 13.43 8.68 -6.71
N TYR A 225 12.76 7.77 -5.98
CA TYR A 225 11.33 7.99 -5.71
C TYR A 225 11.03 9.05 -4.62
N LEU A 226 12.07 9.73 -4.14
CA LEU A 226 11.87 10.85 -3.20
C LEU A 226 12.16 12.15 -3.97
N GLU A 227 12.53 12.06 -5.24
CA GLU A 227 12.83 13.25 -6.05
C GLU A 227 11.52 13.77 -6.62
N GLU A 228 11.25 15.05 -6.41
CA GLU A 228 10.01 15.65 -6.88
C GLU A 228 9.78 15.41 -8.39
N ARG A 229 10.82 15.56 -9.21
CA ARG A 229 10.67 15.38 -10.65
C ARG A 229 10.26 13.97 -11.03
N ARG A 230 10.83 13.02 -10.31
CA ARG A 230 10.52 11.64 -10.60
C ARG A 230 9.09 11.31 -10.17
N ILE A 231 8.70 11.78 -8.99
CA ILE A 231 7.37 11.40 -8.52
C ILE A 231 6.33 12.01 -9.46
N LYS A 232 6.54 13.24 -9.89
CA LYS A 232 5.56 13.86 -10.86
C LYS A 232 5.48 13.06 -12.16
N GLU A 233 6.63 12.74 -12.70
CA GLU A 233 6.67 12.00 -13.94
C GLU A 233 5.88 10.67 -13.89
N ILE A 234 6.01 9.98 -12.76
CA ILE A 234 5.38 8.68 -12.56
C ILE A 234 3.88 8.71 -12.37
N VAL A 235 3.41 9.74 -11.67
CA VAL A 235 1.98 9.84 -11.44
C VAL A 235 1.27 9.98 -12.78
N LYS A 236 1.78 10.90 -13.59
CA LYS A 236 1.21 11.11 -14.90
C LYS A 236 1.23 9.86 -15.80
N LYS A 237 2.27 9.05 -15.73
CA LYS A 237 2.36 7.88 -16.63
C LYS A 237 1.54 6.68 -16.23
N HIS A 238 1.47 6.44 -14.91
CA HIS A 238 0.75 5.30 -14.29
C HIS A 238 -0.46 5.66 -13.47
N SER A 239 -0.81 6.94 -13.35
CA SER A 239 -1.94 7.34 -12.53
C SER A 239 -2.91 8.54 -12.81
N GLN A 240 -2.70 9.34 -13.83
CA GLN A 240 -3.62 10.48 -14.11
C GLN A 240 -5.07 10.15 -14.57
N PHE A 241 -5.48 8.87 -14.32
CA PHE A 241 -6.71 8.01 -14.51
C PHE A 241 -7.58 7.84 -13.24
N ILE A 242 -7.07 8.42 -12.18
CA ILE A 242 -7.68 8.27 -10.88
C ILE A 242 -8.66 9.36 -10.58
N GLY A 243 -9.83 8.95 -10.10
CA GLY A 243 -10.92 9.85 -9.86
C GLY A 243 -10.91 10.57 -8.52
N TYR A 244 -9.69 10.80 -8.02
CA TYR A 244 -9.51 11.50 -6.73
C TYR A 244 -8.28 12.33 -6.86
N PRO A 245 -8.22 13.40 -6.09
CA PRO A 245 -7.04 14.26 -6.18
C PRO A 245 -5.82 13.57 -5.60
N ILE A 246 -4.70 13.68 -6.28
CA ILE A 246 -3.45 13.05 -5.83
C ILE A 246 -2.55 14.28 -5.66
N THR A 247 -2.16 14.55 -4.42
CA THR A 247 -1.32 15.72 -4.18
C THR A 247 0.07 15.30 -3.67
N LEU A 248 1.11 15.84 -4.31
CA LEU A 248 2.48 15.58 -3.90
C LEU A 248 2.89 16.71 -2.99
N PHE A 249 3.34 16.36 -1.80
CA PHE A 249 3.84 17.35 -0.85
C PHE A 249 5.29 17.52 -1.16
N VAL A 250 5.65 18.75 -1.47
CA VAL A 250 7.03 19.11 -1.78
C VAL A 250 7.74 19.42 -0.46
N GLU A 251 8.94 18.89 -0.29
CA GLU A 251 9.67 19.15 0.95
C GLU A 251 10.23 20.57 0.92
N LYS A 252 10.17 21.20 2.08
CA LYS A 252 10.68 22.59 2.31
C LYS A 252 12.22 22.59 2.46
C15 4BC B . -7.52 -3.66 0.25
C12 4BC B . -7.12 -4.52 -0.76
O17 4BC B . -6.91 -5.87 -0.76
C19 4BC B . -6.54 -6.21 -2.04
O18 4BC B . -6.53 -5.10 -2.84
C16 4BC B . -6.89 -4.04 -2.05
C22 4BC B . -7.04 -2.69 -2.34
C20 4BC B . -7.43 -1.83 -1.32
C8 4BC B . -7.67 -2.31 -0.03
C4 4BC B . -8.00 -1.43 1.00
C1 4BC B . -9.16 -1.40 1.76
C7 4BC B . -10.39 -2.31 1.67
O21 4BC B . -11.15 -2.36 2.63
O23 4BC B . -10.63 -2.96 0.65
N5 4BC B . -9.06 -0.36 2.60
C2 4BC B . -7.25 -0.36 1.48
N3 4BC B . -7.99 0.22 2.43
C6 4BC B . -5.93 -0.10 1.12
C10 4BC B . -4.99 -1.12 1.02
C14 4BC B . -3.69 -0.86 0.59
C26 4BC B . -2.64 -1.98 0.63
C27 4BC B . -1.81 -1.87 1.91
C13 4BC B . -3.33 0.43 0.22
O25 4BC B . -2.13 0.64 -0.41
C11 4BC B . -4.25 1.47 0.35
C9 4BC B . -5.54 1.20 0.80
O24 4BC B . -6.44 2.21 0.95
#